data_4CDH
#
_entry.id   4CDH
#
_cell.length_a   49.590
_cell.length_b   80.150
_cell.length_c   140.210
_cell.angle_alpha   90.00
_cell.angle_beta   90.00
_cell.angle_gamma   90.00
#
_symmetry.space_group_name_H-M   'P 21 21 21'
#
loop_
_entity.id
_entity.type
_entity.pdbx_description
1 polymer 'IG GAMMA-1 CHAIN C REGION'
2 branched beta-D-galactopyranose-(1-4)-2-acetamido-2-deoxy-beta-D-glucopyranose-(1-2)-alpha-D-mannopyranose-(1-3)-[beta-D-galactopyranose-(1-4)-2-acetamido-2-deoxy-beta-D-glucopyranose-(1-2)-alpha-D-mannopyranose-(1-6)]beta-D-mannopyranose-(1-4)-2-acetamido-2-deoxy-beta-D-glucopyranose-(1-4)-[beta-L-fucopyranose-(1-6)]2-acetamido-2-deoxy-beta-D-glucopyranose
3 branched beta-D-galactopyranose-(1-4)-2-acetamido-2-deoxy-beta-D-glucopyranose-(1-2)-alpha-D-mannopyranose-(1-6)-[2-acetamido-2-deoxy-beta-D-glucopyranose-(1-2)-alpha-D-mannopyranose-(1-3)]beta-D-mannopyranose-(1-4)-2-acetamido-2-deoxy-beta-D-glucopyranose-(1-4)-2-acetamido-2-deoxy-beta-D-glucopyranose
4 water water
#
_entity_poly.entity_id   1
_entity_poly.type   'polypeptide(L)'
_entity_poly.pdbx_seq_one_letter_code
;MKKTAIAIAVALAGFATVAQADVESKSCDKTHTCPPCPAPELLGGPSVFLFPPKPKDTLMISRTPEVTCVVVDVSHEDPE
VKFNWYVDGVEVHNAKTKPREEQYNSTYRVVSVLTVLHQDWLNGKEYKCKVSNKALPAPIEKTISKAKGQPREPQVYTLP
PSRDELTKNQVSLTCLVKGFYPSDIAVEWESNGQPENNYKTTPPVLDSDGSFFLYSKLTVDKSRWQQGNVFSCSVMHEAL
HNHYTQKSLSLSPGK
;
_entity_poly.pdbx_strand_id   A,B
#
loop_
_chem_comp.id
_chem_comp.type
_chem_comp.name
_chem_comp.formula
BMA D-saccharide, beta linking beta-D-mannopyranose 'C6 H12 O6'
FUL L-saccharide, beta linking beta-L-fucopyranose 'C6 H12 O5'
GAL D-saccharide, beta linking beta-D-galactopyranose 'C6 H12 O6'
MAN D-saccharide, alpha linking alpha-D-mannopyranose 'C6 H12 O6'
NAG D-saccharide, beta linking 2-acetamido-2-deoxy-beta-D-glucopyranose 'C8 H15 N O6'
#
# COMPACT_ATOMS: atom_id res chain seq x y z
N PRO A 46 20.63 -7.70 18.18
CA PRO A 46 21.04 -7.54 16.78
C PRO A 46 20.01 -8.12 15.81
N SER A 47 19.56 -7.28 14.88
CA SER A 47 18.57 -7.73 13.91
C SER A 47 19.04 -7.37 12.53
N VAL A 48 18.58 -8.19 11.58
CA VAL A 48 19.05 -8.18 10.20
C VAL A 48 17.88 -7.89 9.28
N PHE A 49 18.14 -6.98 8.33
CA PHE A 49 17.24 -6.60 7.27
C PHE A 49 17.94 -6.73 5.95
N LEU A 50 17.26 -7.35 4.99
CA LEU A 50 17.78 -7.72 3.68
C LEU A 50 16.92 -7.11 2.58
N PHE A 51 17.50 -6.32 1.67
CA PHE A 51 16.70 -5.53 0.78
C PHE A 51 16.97 -5.87 -0.63
N PRO A 52 15.93 -5.97 -1.45
CA PRO A 52 16.13 -6.41 -2.80
C PRO A 52 16.69 -5.24 -3.61
N PRO A 53 17.04 -5.48 -4.89
CA PRO A 53 17.37 -4.43 -5.85
C PRO A 53 16.15 -3.67 -6.26
N LYS A 54 16.32 -2.52 -6.90
CA LYS A 54 15.16 -1.73 -7.39
C LYS A 54 14.72 -2.32 -8.73
N PRO A 55 13.43 -2.39 -8.96
CA PRO A 55 12.88 -2.92 -10.18
C PRO A 55 13.59 -2.56 -11.46
N LYS A 56 13.93 -1.28 -11.63
CA LYS A 56 14.59 -0.80 -12.87
C LYS A 56 16.00 -1.32 -13.04
N ASP A 57 16.67 -1.60 -11.92
CA ASP A 57 18.10 -1.99 -11.95
C ASP A 57 18.27 -3.42 -12.48
N THR A 58 17.26 -4.24 -12.28
CA THR A 58 17.34 -5.63 -12.77
C THR A 58 16.93 -5.73 -14.25
N LEU A 59 16.17 -4.75 -14.73
CA LEU A 59 15.64 -4.76 -16.07
C LEU A 59 16.47 -4.05 -17.13
N MET A 60 17.49 -3.29 -16.76
CA MET A 60 18.36 -2.62 -17.76
C MET A 60 19.78 -3.09 -17.51
N ILE A 61 20.47 -3.62 -18.52
CA ILE A 61 21.85 -4.06 -18.26
C ILE A 61 22.78 -2.92 -17.88
N SER A 62 22.44 -1.69 -18.27
CA SER A 62 23.20 -0.47 -17.87
C SER A 62 23.47 -0.37 -16.38
N ARG A 63 22.48 -0.73 -15.58
CA ARG A 63 22.47 -0.43 -14.15
C ARG A 63 23.01 -1.57 -13.34
N THR A 64 23.16 -1.34 -12.06
CA THR A 64 23.84 -2.27 -11.17
C THR A 64 22.90 -2.69 -10.04
N PRO A 65 22.26 -3.86 -10.17
CA PRO A 65 21.33 -4.31 -9.13
C PRO A 65 22.08 -4.84 -7.96
N GLU A 66 21.59 -4.59 -6.73
CA GLU A 66 22.24 -5.06 -5.52
C GLU A 66 21.22 -5.53 -4.53
N VAL A 67 21.65 -6.49 -3.72
CA VAL A 67 20.90 -6.93 -2.55
C VAL A 67 21.64 -6.35 -1.34
N THR A 68 20.93 -5.76 -0.39
CA THR A 68 21.58 -5.07 0.71
C THR A 68 21.25 -5.71 2.08
N CYS A 69 22.28 -6.14 2.81
CA CYS A 69 22.06 -6.78 4.10
C CYS A 69 22.57 -5.84 5.18
N VAL A 70 21.65 -5.40 6.03
CA VAL A 70 21.87 -4.37 7.02
C VAL A 70 21.66 -5.05 8.37
N VAL A 71 22.68 -4.93 9.25
CA VAL A 71 22.55 -5.35 10.65
C VAL A 71 22.58 -4.12 11.49
N VAL A 72 21.54 -3.96 12.34
CA VAL A 72 21.46 -2.90 13.35
C VAL A 72 21.43 -3.56 14.75
N ASP A 73 21.38 -2.73 15.80
CA ASP A 73 21.61 -3.13 17.25
C ASP A 73 22.83 -4.02 17.46
N VAL A 74 23.98 -3.59 16.99
CA VAL A 74 25.19 -4.32 17.26
C VAL A 74 25.90 -3.66 18.44
N SER A 75 26.06 -4.40 19.54
CA SER A 75 26.83 -3.97 20.76
C SER A 75 28.18 -3.26 20.58
N HIS A 76 28.54 -2.39 21.53
CA HIS A 76 29.95 -2.05 21.76
C HIS A 76 30.72 -3.28 22.29
N GLU A 77 30.07 -4.10 23.10
CA GLU A 77 30.74 -5.21 23.81
C GLU A 77 31.04 -6.45 22.95
N ASP A 78 30.42 -6.53 21.77
CA ASP A 78 30.58 -7.64 20.86
C ASP A 78 30.35 -7.05 19.47
N PRO A 79 31.25 -6.18 19.00
CA PRO A 79 30.98 -5.36 17.82
C PRO A 79 31.38 -6.00 16.49
N GLU A 80 31.88 -7.24 16.51
CA GLU A 80 32.39 -7.80 15.27
C GLU A 80 31.24 -8.53 14.54
N VAL A 81 31.09 -8.24 13.24
CA VAL A 81 30.04 -8.86 12.46
C VAL A 81 30.60 -9.72 11.31
N LYS A 82 30.18 -10.98 11.28
CA LYS A 82 30.57 -11.88 10.21
C LYS A 82 29.41 -12.08 9.22
N PHE A 83 29.58 -11.64 7.96
CA PHE A 83 28.64 -11.97 6.89
C PHE A 83 29.06 -13.14 6.04
N ASN A 84 28.16 -14.08 5.77
CA ASN A 84 28.32 -14.98 4.63
C ASN A 84 27.14 -14.78 3.62
N TRP A 85 27.46 -14.77 2.34
CA TRP A 85 26.44 -14.68 1.32
C TRP A 85 26.32 -15.99 0.54
N TYR A 86 25.09 -16.44 0.25
CA TYR A 86 24.89 -17.57 -0.64
C TYR A 86 23.89 -17.30 -1.78
N VAL A 87 24.11 -17.90 -2.94
CA VAL A 87 23.14 -17.83 -4.04
C VAL A 87 22.54 -19.20 -4.30
N ASP A 88 21.24 -19.38 -4.16
CA ASP A 88 20.65 -20.72 -4.21
C ASP A 88 21.50 -21.64 -3.29
N GLY A 89 21.86 -21.14 -2.13
CA GLY A 89 22.59 -21.94 -1.17
C GLY A 89 24.06 -22.29 -1.46
N VAL A 90 24.64 -21.85 -2.57
CA VAL A 90 26.08 -22.02 -2.74
C VAL A 90 26.76 -20.69 -2.37
N GLU A 91 27.80 -20.77 -1.54
CA GLU A 91 28.38 -19.61 -0.95
C GLU A 91 29.09 -18.88 -2.02
N VAL A 92 29.06 -17.56 -1.86
CA VAL A 92 29.56 -16.64 -2.85
C VAL A 92 30.45 -15.61 -2.11
N HIS A 93 31.43 -15.02 -2.79
CA HIS A 93 32.54 -14.40 -2.04
C HIS A 93 32.87 -12.99 -2.47
N ASN A 94 32.05 -12.40 -3.33
CA ASN A 94 32.40 -11.11 -3.91
C ASN A 94 31.62 -9.93 -3.32
N ALA A 95 30.90 -10.14 -2.24
CA ALA A 95 30.22 -9.08 -1.54
C ALA A 95 31.19 -8.08 -0.92
N LYS A 96 30.76 -6.81 -0.79
CA LYS A 96 31.62 -5.74 -0.30
C LYS A 96 30.90 -5.15 0.88
N THR A 97 31.56 -5.26 2.01
CA THR A 97 31.02 -4.89 3.26
C THR A 97 31.63 -3.59 3.73
N LYS A 98 30.80 -2.72 4.28
CA LYS A 98 31.22 -1.40 4.70
C LYS A 98 31.69 -1.43 6.15
N PRO A 99 32.65 -0.53 6.47
CA PRO A 99 33.06 -0.42 7.85
C PRO A 99 31.88 -0.06 8.74
N ARG A 100 31.81 -0.70 9.90
CA ARG A 100 30.81 -0.45 10.91
C ARG A 100 30.70 1.02 11.17
N GLU A 101 29.48 1.53 11.25
CA GLU A 101 29.24 2.93 11.47
C GLU A 101 28.42 3.11 12.72
N GLU A 102 28.95 3.91 13.65
CA GLU A 102 28.33 4.09 14.95
C GLU A 102 27.08 4.94 14.83
N GLN A 103 26.02 4.56 15.55
CA GLN A 103 24.78 5.32 15.59
C GLN A 103 24.70 6.20 16.87
N TYR A 104 23.75 7.14 16.94
CA TYR A 104 23.61 8.06 18.07
C TYR A 104 22.99 7.42 19.27
N ASN A 105 22.36 6.29 19.08
CA ASN A 105 21.86 5.57 20.24
C ASN A 105 22.85 4.50 20.67
N SER A 106 24.11 4.67 20.28
CA SER A 106 25.22 3.83 20.76
C SER A 106 25.09 2.39 20.33
N THR A 107 24.64 2.19 19.09
CA THR A 107 24.63 0.86 18.44
C THR A 107 25.34 1.04 17.16
N TYR A 108 25.90 -0.06 16.65
CA TYR A 108 26.48 -0.07 15.32
C TYR A 108 25.46 -0.56 14.29
N ARG A 109 25.65 -0.04 13.10
CA ARG A 109 24.93 -0.48 11.94
C ARG A 109 26.01 -0.89 10.97
N VAL A 110 25.89 -2.08 10.38
CA VAL A 110 26.83 -2.53 9.38
C VAL A 110 26.06 -3.07 8.20
N VAL A 111 26.56 -2.73 7.02
CA VAL A 111 25.92 -3.00 5.74
C VAL A 111 26.88 -3.75 4.86
N SER A 112 26.35 -4.82 4.25
CA SER A 112 27.05 -5.59 3.22
C SER A 112 26.19 -5.67 1.97
N VAL A 113 26.83 -5.49 0.83
CA VAL A 113 26.20 -5.30 -0.45
C VAL A 113 26.67 -6.31 -1.50
N LEU A 114 25.77 -7.21 -1.92
CA LEU A 114 26.06 -8.18 -2.95
C LEU A 114 25.46 -7.72 -4.28
N THR A 115 26.32 -7.44 -5.24
CA THR A 115 25.96 -7.23 -6.65
C THR A 115 25.40 -8.51 -7.25
N VAL A 116 24.32 -8.32 -7.97
CA VAL A 116 23.46 -9.40 -8.37
C VAL A 116 23.53 -9.34 -9.88
N LEU A 117 23.75 -10.45 -10.56
CA LEU A 117 23.57 -10.39 -12.00
C LEU A 117 22.07 -10.32 -12.33
N HIS A 118 21.81 -9.61 -13.39
CA HIS A 118 20.46 -9.33 -13.86
C HIS A 118 19.68 -10.62 -14.07
N GLN A 119 20.23 -11.56 -14.84
CA GLN A 119 19.52 -12.79 -15.19
C GLN A 119 19.41 -13.83 -14.10
N ASP A 120 20.33 -13.84 -13.14
CA ASP A 120 20.12 -14.61 -11.91
C ASP A 120 18.85 -14.15 -11.17
N TRP A 121 18.66 -12.83 -11.08
CA TRP A 121 17.53 -12.34 -10.31
C TRP A 121 16.26 -12.69 -11.04
N LEU A 122 16.22 -12.43 -12.35
CA LEU A 122 15.06 -12.74 -13.17
C LEU A 122 14.83 -14.21 -13.33
N ASN A 123 15.89 -15.03 -13.23
CA ASN A 123 15.77 -16.52 -13.15
C ASN A 123 15.41 -17.05 -11.78
N GLY A 124 15.19 -16.14 -10.85
CA GLY A 124 14.55 -16.52 -9.62
C GLY A 124 15.47 -16.94 -8.50
N LYS A 125 16.77 -16.73 -8.66
CA LYS A 125 17.74 -17.26 -7.69
C LYS A 125 17.51 -16.64 -6.33
N GLU A 126 17.80 -17.38 -5.28
CA GLU A 126 17.67 -16.93 -3.89
C GLU A 126 18.98 -16.45 -3.28
N TYR A 127 18.89 -15.32 -2.61
CA TYR A 127 20.06 -14.66 -2.06
C TYR A 127 19.93 -14.71 -0.55
N LYS A 128 20.91 -15.37 0.09
CA LYS A 128 20.92 -15.51 1.53
C LYS A 128 22.06 -14.74 2.12
N CYS A 129 21.70 -13.90 3.09
CA CYS A 129 22.64 -13.25 3.93
C CYS A 129 22.60 -13.94 5.29
N LYS A 130 23.76 -14.42 5.72
CA LYS A 130 23.96 -15.04 7.04
C LYS A 130 24.81 -14.11 7.90
N VAL A 131 24.28 -13.75 9.06
CA VAL A 131 24.93 -12.79 9.93
C VAL A 131 25.34 -13.46 11.28
N SER A 132 26.59 -13.25 11.63
CA SER A 132 27.18 -13.89 12.77
C SER A 132 27.75 -12.74 13.59
N ASN A 133 27.59 -12.87 14.90
CA ASN A 133 28.04 -11.90 15.88
C ASN A 133 28.07 -12.67 17.16
N LYS A 134 28.90 -12.30 18.12
CA LYS A 134 29.02 -13.13 19.33
C LYS A 134 27.90 -12.95 20.40
N ALA A 135 27.14 -11.87 20.33
CA ALA A 135 25.94 -11.72 21.19
C ALA A 135 24.72 -12.62 20.85
N LEU A 136 24.83 -13.51 19.84
CA LEU A 136 23.66 -14.19 19.26
C LEU A 136 23.64 -15.66 19.64
N PRO A 137 22.46 -16.20 19.97
CA PRO A 137 22.43 -17.65 20.21
C PRO A 137 23.01 -18.40 19.01
N ALA A 138 22.47 -18.11 17.83
CA ALA A 138 22.99 -18.63 16.54
C ALA A 138 23.01 -17.53 15.44
N PRO A 139 23.77 -17.78 14.34
CA PRO A 139 23.65 -16.92 13.18
C PRO A 139 22.19 -16.67 12.77
N ILE A 140 21.93 -15.44 12.32
CA ILE A 140 20.65 -15.05 11.76
C ILE A 140 20.82 -15.16 10.29
N GLU A 141 19.79 -15.68 9.64
CA GLU A 141 19.83 -15.79 8.20
C GLU A 141 18.61 -15.10 7.65
N LYS A 142 18.75 -14.46 6.50
CA LYS A 142 17.63 -13.89 5.78
C LYS A 142 17.83 -14.25 4.33
N THR A 143 16.72 -14.38 3.62
CA THR A 143 16.70 -14.78 2.24
C THR A 143 15.70 -13.92 1.50
N ILE A 144 16.08 -13.49 0.30
CA ILE A 144 15.24 -12.70 -0.56
C ILE A 144 15.39 -13.34 -1.94
N SER A 145 14.32 -13.18 -2.75
CA SER A 145 14.33 -13.55 -4.16
C SER A 145 13.25 -12.78 -4.87
N LYS A 146 13.19 -12.93 -6.17
CA LYS A 146 12.04 -12.39 -6.88
C LYS A 146 10.78 -13.20 -6.43
N ALA A 147 9.62 -12.57 -6.27
CA ALA A 147 8.41 -13.35 -6.01
C ALA A 147 8.28 -14.51 -7.01
N LYS A 148 7.94 -15.66 -6.48
CA LYS A 148 7.75 -16.84 -7.27
C LYS A 148 6.40 -16.83 -8.02
N GLY A 149 6.43 -17.28 -9.27
CA GLY A 149 5.22 -17.35 -10.11
C GLY A 149 5.62 -17.08 -11.55
N GLN A 150 4.72 -17.33 -12.49
CA GLN A 150 5.03 -17.15 -13.89
C GLN A 150 4.85 -15.68 -14.17
N PRO A 151 5.83 -15.07 -14.84
CA PRO A 151 5.69 -13.67 -15.19
C PRO A 151 4.53 -13.43 -16.10
N ARG A 152 3.90 -12.27 -15.98
CA ARG A 152 2.78 -11.92 -16.85
C ARG A 152 2.96 -10.52 -17.34
N GLU A 153 2.64 -10.34 -18.62
CA GLU A 153 2.87 -9.12 -19.33
C GLU A 153 1.84 -8.05 -18.98
N PRO A 154 2.30 -6.85 -18.60
CA PRO A 154 1.35 -5.81 -18.33
C PRO A 154 0.68 -5.28 -19.57
N GLN A 155 -0.60 -4.96 -19.42
CA GLN A 155 -1.37 -4.22 -20.41
C GLN A 155 -1.35 -2.81 -19.90
N VAL A 156 -0.98 -1.90 -20.76
CA VAL A 156 -0.86 -0.52 -20.47
C VAL A 156 -1.93 0.22 -21.27
N TYR A 157 -2.78 0.98 -20.58
CA TYR A 157 -3.88 1.68 -21.21
C TYR A 157 -3.97 3.09 -20.72
N THR A 158 -4.15 4.00 -21.66
CA THR A 158 -4.06 5.42 -21.42
C THR A 158 -5.44 6.06 -21.48
N LEU A 159 -5.66 7.04 -20.60
CA LEU A 159 -7.02 7.48 -20.18
C LEU A 159 -7.03 8.96 -19.89
N PRO A 160 -7.73 9.75 -20.74
CA PRO A 160 -7.79 11.18 -20.59
C PRO A 160 -8.79 11.56 -19.50
N PRO A 161 -8.78 12.82 -19.06
CA PRO A 161 -9.66 13.34 -17.97
C PRO A 161 -11.15 13.12 -18.19
N SER A 162 -11.92 12.98 -17.11
CA SER A 162 -13.39 13.07 -17.21
C SER A 162 -13.78 14.37 -17.90
N ARG A 163 -14.89 14.36 -18.62
CA ARG A 163 -15.41 15.59 -19.20
C ARG A 163 -15.58 16.56 -18.04
N ASP A 164 -16.18 16.06 -16.95
CA ASP A 164 -16.46 16.91 -15.76
C ASP A 164 -15.20 17.49 -15.13
N GLU A 165 -14.01 16.96 -15.45
CA GLU A 165 -12.78 17.55 -14.87
C GLU A 165 -12.32 18.82 -15.56
N LEU A 166 -12.86 19.13 -16.74
CA LEU A 166 -12.29 20.20 -17.59
C LEU A 166 -12.55 21.62 -17.00
N THR A 167 -13.63 21.75 -16.20
CA THR A 167 -13.86 22.97 -15.40
C THR A 167 -12.68 23.38 -14.48
N LYS A 168 -11.71 22.49 -14.22
CA LYS A 168 -10.62 22.81 -13.26
C LYS A 168 -9.42 23.39 -14.01
N ASN A 169 -8.48 23.99 -13.26
CA ASN A 169 -7.22 24.56 -13.81
C ASN A 169 -6.10 23.54 -14.05
N GLN A 170 -6.30 22.34 -13.51
CA GLN A 170 -5.41 21.22 -13.69
C GLN A 170 -6.25 20.07 -14.18
N VAL A 171 -5.61 19.11 -14.83
CA VAL A 171 -6.29 17.99 -15.40
C VAL A 171 -5.48 16.71 -15.14
N SER A 172 -6.18 15.56 -15.10
CA SER A 172 -5.60 14.29 -14.62
C SER A 172 -5.45 13.24 -15.75
N LEU A 173 -4.19 12.92 -16.06
CA LEU A 173 -3.96 11.95 -17.11
C LEU A 173 -3.67 10.63 -16.45
N THR A 174 -4.46 9.65 -16.83
CA THR A 174 -4.45 8.35 -16.18
C THR A 174 -3.74 7.27 -17.02
N CYS A 175 -2.82 6.52 -16.39
CA CYS A 175 -2.22 5.35 -17.02
C CYS A 175 -2.51 4.17 -16.14
N LEU A 176 -3.37 3.30 -16.66
CA LEU A 176 -3.61 2.00 -16.07
C LEU A 176 -2.66 0.92 -16.64
N VAL A 177 -2.07 0.16 -15.74
CA VAL A 177 -1.20 -0.91 -16.07
C VAL A 177 -1.78 -2.09 -15.33
N LYS A 178 -2.25 -3.11 -16.03
CA LYS A 178 -2.85 -4.21 -15.34
C LYS A 178 -2.34 -5.57 -15.78
N GLY A 179 -2.71 -6.59 -15.01
CA GLY A 179 -2.46 -7.95 -15.42
C GLY A 179 -0.97 -8.31 -15.38
N PHE A 180 -0.19 -7.63 -14.53
CA PHE A 180 1.20 -7.96 -14.44
C PHE A 180 1.61 -8.84 -13.26
N TYR A 181 2.68 -9.59 -13.48
CA TYR A 181 3.29 -10.45 -12.44
C TYR A 181 4.76 -10.62 -12.84
N PRO A 182 5.67 -10.52 -11.86
CA PRO A 182 5.41 -10.14 -10.49
C PRO A 182 5.16 -8.61 -10.37
N SER A 183 5.02 -8.11 -9.16
CA SER A 183 4.58 -6.72 -8.95
C SER A 183 5.66 -5.70 -9.07
N ASP A 184 6.91 -6.14 -9.23
CA ASP A 184 8.03 -5.25 -9.50
C ASP A 184 7.91 -4.63 -10.87
N ILE A 185 7.91 -3.29 -10.90
CA ILE A 185 7.55 -2.50 -12.07
C ILE A 185 7.99 -1.08 -11.87
N ALA A 186 8.37 -0.39 -12.96
CA ALA A 186 8.65 1.05 -12.93
C ALA A 186 7.73 1.77 -13.96
N VAL A 187 7.22 2.95 -13.59
CA VAL A 187 6.27 3.71 -14.37
C VAL A 187 6.63 5.19 -14.43
N GLU A 188 6.75 5.74 -15.63
CA GLU A 188 7.10 7.15 -15.78
C GLU A 188 6.30 7.82 -16.85
N TRP A 189 6.25 9.14 -16.74
CA TRP A 189 5.54 9.96 -17.69
C TRP A 189 6.43 10.90 -18.44
N GLU A 190 6.10 11.19 -19.69
CA GLU A 190 6.94 12.03 -20.54
C GLU A 190 6.05 12.84 -21.48
N SER A 191 6.56 13.98 -21.94
CA SER A 191 6.02 14.65 -23.15
C SER A 191 7.16 15.29 -23.98
N ASN A 192 7.12 15.09 -25.30
CA ASN A 192 8.15 15.63 -26.23
C ASN A 192 9.58 15.27 -25.87
N GLY A 193 9.76 14.02 -25.40
CA GLY A 193 11.05 13.53 -24.98
C GLY A 193 11.49 13.99 -23.60
N GLN A 194 10.69 14.80 -22.92
CA GLN A 194 11.11 15.35 -21.63
C GLN A 194 10.30 14.77 -20.44
N PRO A 195 10.98 14.38 -19.35
CA PRO A 195 10.24 13.92 -18.17
C PRO A 195 9.11 14.85 -17.73
N GLU A 196 7.92 14.30 -17.41
CA GLU A 196 6.92 15.08 -16.68
C GLU A 196 7.13 14.67 -15.25
N ASN A 197 7.20 15.63 -14.32
CA ASN A 197 7.55 15.30 -12.92
C ASN A 197 6.40 15.45 -11.91
N ASN A 198 5.23 15.88 -12.39
CA ASN A 198 4.06 16.10 -11.55
C ASN A 198 3.08 14.91 -11.61
N TYR A 199 3.51 13.72 -11.20
CA TYR A 199 2.68 12.51 -11.32
C TYR A 199 2.78 11.77 -10.02
N LYS A 200 1.77 10.98 -9.71
CA LYS A 200 1.92 10.05 -8.60
C LYS A 200 1.39 8.71 -9.10
N THR A 201 1.96 7.64 -8.55
CA THR A 201 1.64 6.29 -8.95
C THR A 201 1.20 5.51 -7.74
N THR A 202 0.12 4.74 -7.87
CA THR A 202 -0.32 3.90 -6.77
C THR A 202 0.60 2.68 -6.66
N PRO A 203 0.67 2.11 -5.47
CA PRO A 203 1.31 0.82 -5.33
C PRO A 203 0.62 -0.29 -6.17
N PRO A 204 1.33 -1.36 -6.46
CA PRO A 204 0.66 -2.49 -7.05
C PRO A 204 -0.45 -3.04 -6.14
N VAL A 205 -1.57 -3.42 -6.78
CA VAL A 205 -2.71 -4.02 -6.06
C VAL A 205 -3.01 -5.39 -6.68
N LEU A 206 -3.13 -6.36 -5.80
CA LEU A 206 -3.43 -7.72 -6.16
C LEU A 206 -4.85 -7.86 -6.69
N ASP A 207 -4.96 -8.29 -7.93
CA ASP A 207 -6.22 -8.44 -8.61
C ASP A 207 -6.82 -9.86 -8.35
N SER A 208 -8.02 -10.12 -8.85
CA SER A 208 -8.71 -11.37 -8.48
C SER A 208 -8.12 -12.54 -9.29
N ASP A 209 -7.37 -12.26 -10.35
CA ASP A 209 -6.74 -13.34 -11.07
C ASP A 209 -5.32 -13.64 -10.55
N GLY A 210 -4.90 -13.00 -9.47
CA GLY A 210 -3.55 -13.26 -8.97
C GLY A 210 -2.47 -12.43 -9.64
N SER A 211 -2.83 -11.66 -10.66
CA SER A 211 -1.97 -10.67 -11.24
C SER A 211 -2.15 -9.35 -10.47
N PHE A 212 -1.33 -8.35 -10.83
CA PHE A 212 -1.33 -7.03 -10.19
C PHE A 212 -1.74 -5.96 -11.17
N PHE A 213 -2.33 -4.90 -10.62
CA PHE A 213 -2.56 -3.66 -11.35
C PHE A 213 -2.15 -2.42 -10.53
N LEU A 214 -1.95 -1.34 -11.24
CA LEU A 214 -1.83 -0.05 -10.63
C LEU A 214 -2.35 1.05 -11.54
N TYR A 215 -2.55 2.23 -10.95
CA TYR A 215 -2.75 3.42 -11.74
C TYR A 215 -1.62 4.45 -11.46
N SER A 216 -1.16 5.12 -12.51
CA SER A 216 -0.33 6.33 -12.38
C SER A 216 -1.10 7.55 -12.88
N LYS A 217 -1.09 8.63 -12.10
CA LYS A 217 -1.85 9.84 -12.44
C LYS A 217 -0.90 10.95 -12.65
N LEU A 218 -0.95 11.49 -13.86
CA LEU A 218 -0.18 12.70 -14.21
C LEU A 218 -1.12 13.90 -14.22
N THR A 219 -0.74 14.91 -13.44
CA THR A 219 -1.52 16.15 -13.39
C THR A 219 -0.88 17.21 -14.25
N VAL A 220 -1.58 17.69 -15.25
CA VAL A 220 -1.10 18.82 -16.08
C VAL A 220 -2.04 20.05 -16.09
N ASP A 221 -1.49 21.21 -16.43
CA ASP A 221 -2.35 22.38 -16.64
C ASP A 221 -3.31 22.10 -17.74
N LYS A 222 -4.55 22.57 -17.58
CA LYS A 222 -5.56 22.35 -18.59
C LYS A 222 -5.15 22.98 -19.92
N SER A 223 -4.47 24.12 -19.90
CA SER A 223 -3.97 24.66 -21.17
C SER A 223 -3.18 23.57 -21.91
N ARG A 224 -2.09 23.10 -21.27
CA ARG A 224 -1.17 22.11 -21.89
C ARG A 224 -1.92 20.98 -22.53
N TRP A 225 -2.97 20.54 -21.85
CA TRP A 225 -3.78 19.47 -22.40
C TRP A 225 -4.46 19.94 -23.69
N GLN A 226 -5.10 21.11 -23.65
CA GLN A 226 -5.90 21.55 -24.82
C GLN A 226 -5.10 22.27 -25.89
N GLN A 227 -3.77 22.30 -25.78
CA GLN A 227 -2.93 23.04 -26.74
C GLN A 227 -2.95 22.48 -28.20
N GLY A 228 -2.42 21.29 -28.49
CA GLY A 228 -1.76 20.39 -27.54
C GLY A 228 -2.36 19.01 -27.70
N ASN A 229 -1.64 17.92 -27.40
CA ASN A 229 -0.27 17.89 -26.82
C ASN A 229 -0.06 16.44 -26.37
N VAL A 230 1.12 15.87 -26.63
CA VAL A 230 1.28 14.40 -26.47
C VAL A 230 2.00 14.01 -25.18
N PHE A 231 1.32 13.18 -24.38
CA PHE A 231 1.86 12.71 -23.10
C PHE A 231 2.06 11.22 -23.12
N SER A 232 3.19 10.79 -22.56
CA SER A 232 3.73 9.45 -22.70
C SER A 232 3.91 8.77 -21.33
N CYS A 233 3.28 7.64 -21.16
CA CYS A 233 3.41 6.79 -19.98
C CYS A 233 4.36 5.60 -20.29
N SER A 234 5.54 5.60 -19.71
CA SER A 234 6.54 4.55 -19.88
C SER A 234 6.40 3.50 -18.78
N VAL A 235 6.57 2.25 -19.14
CA VAL A 235 6.42 1.15 -18.24
C VAL A 235 7.52 0.11 -18.46
N MET A 236 8.25 -0.21 -17.40
CA MET A 236 9.24 -1.25 -17.49
C MET A 236 8.97 -2.40 -16.58
N HIS A 237 9.04 -3.60 -17.15
CA HIS A 237 8.71 -4.79 -16.46
C HIS A 237 9.39 -5.94 -17.18
N GLU A 238 9.67 -6.99 -16.45
CA GLU A 238 10.43 -8.10 -17.02
C GLU A 238 9.67 -8.78 -18.14
N ALA A 239 8.34 -8.85 -18.02
CA ALA A 239 7.50 -9.56 -19.01
C ALA A 239 7.19 -8.77 -20.28
N LEU A 240 7.90 -7.69 -20.52
CA LEU A 240 7.72 -6.81 -21.69
C LEU A 240 9.01 -6.84 -22.52
N HIS A 241 8.86 -6.67 -23.84
CA HIS A 241 9.93 -6.86 -24.80
C HIS A 241 10.89 -5.71 -24.64
N ASN A 242 12.18 -6.01 -24.48
CA ASN A 242 13.13 -4.99 -24.11
C ASN A 242 12.78 -4.42 -22.74
N HIS A 243 11.97 -5.13 -21.98
CA HIS A 243 11.60 -4.65 -20.64
C HIS A 243 11.06 -3.20 -20.62
N TYR A 244 10.40 -2.77 -21.69
CA TYR A 244 9.94 -1.38 -21.81
C TYR A 244 8.76 -1.31 -22.77
N THR A 245 7.75 -0.50 -22.44
CA THR A 245 6.74 -0.04 -23.40
C THR A 245 6.37 1.38 -23.05
N GLN A 246 5.79 2.08 -24.02
CA GLN A 246 5.25 3.40 -23.84
C GLN A 246 3.85 3.40 -24.38
N LYS A 247 3.03 4.30 -23.87
CA LYS A 247 1.70 4.57 -24.44
C LYS A 247 1.50 6.05 -24.32
N SER A 248 1.11 6.67 -25.43
CA SER A 248 0.93 8.09 -25.48
C SER A 248 -0.55 8.52 -25.41
N LEU A 249 -0.80 9.81 -25.15
CA LEU A 249 -2.13 10.34 -24.87
C LEU A 249 -2.27 11.78 -25.34
N SER A 250 -3.31 12.06 -26.13
CA SER A 250 -3.63 13.45 -26.60
C SER A 250 -5.15 13.69 -26.72
N LEU A 251 -5.55 14.94 -26.96
CA LEU A 251 -6.99 15.28 -27.13
C LEU A 251 -7.79 14.34 -28.02
N GLY B 44 7.86 -5.93 29.10
CA GLY B 44 8.92 -6.82 28.55
C GLY B 44 8.37 -8.01 27.78
N GLY B 45 7.27 -8.58 28.29
CA GLY B 45 6.63 -9.77 27.69
C GLY B 45 5.83 -9.61 26.38
N PRO B 46 4.57 -9.09 26.43
CA PRO B 46 3.64 -8.99 25.29
C PRO B 46 3.67 -7.58 24.67
N SER B 47 2.77 -7.29 23.72
CA SER B 47 2.68 -5.93 23.12
C SER B 47 1.34 -5.61 22.44
N VAL B 48 0.92 -4.34 22.54
CA VAL B 48 -0.32 -3.86 21.90
C VAL B 48 -0.24 -3.45 20.39
N PHE B 49 -1.37 -3.62 19.69
CA PHE B 49 -1.66 -2.95 18.42
C PHE B 49 -3.13 -2.50 18.46
N LEU B 50 -3.38 -1.29 17.98
CA LEU B 50 -4.59 -0.55 18.33
C LEU B 50 -5.22 0.13 17.09
N PHE B 51 -6.21 -0.55 16.51
CA PHE B 51 -6.76 -0.20 15.21
C PHE B 51 -8.04 0.58 15.32
N PRO B 52 -8.29 1.48 14.37
CA PRO B 52 -9.45 2.36 14.33
C PRO B 52 -10.66 1.70 13.67
N PRO B 53 -11.82 2.40 13.64
CA PRO B 53 -13.02 1.97 12.92
C PRO B 53 -12.82 1.98 11.43
N LYS B 54 -13.74 1.32 10.75
CA LYS B 54 -13.72 1.21 9.33
C LYS B 54 -14.35 2.50 8.95
N PRO B 55 -13.90 3.12 7.88
CA PRO B 55 -14.46 4.42 7.48
C PRO B 55 -15.94 4.46 7.23
N LYS B 56 -16.46 3.43 6.61
CA LYS B 56 -17.86 3.35 6.31
C LYS B 56 -18.73 3.32 7.60
N ASP B 57 -18.25 2.63 8.64
CA ASP B 57 -18.98 2.56 9.90
C ASP B 57 -19.08 3.94 10.61
N THR B 58 -18.13 4.86 10.36
CA THR B 58 -18.15 6.17 11.00
C THR B 58 -19.16 7.10 10.34
N LEU B 59 -19.45 6.84 9.08
CA LEU B 59 -20.22 7.72 8.22
C LEU B 59 -21.69 7.28 8.04
N MET B 60 -22.04 6.05 8.41
CA MET B 60 -23.45 5.63 8.34
C MET B 60 -23.91 5.44 9.76
N ILE B 61 -24.92 6.23 10.10
CA ILE B 61 -25.44 6.31 11.46
C ILE B 61 -26.11 5.00 11.93
N SER B 62 -26.26 4.03 11.03
CA SER B 62 -26.83 2.72 11.33
C SER B 62 -25.76 1.63 11.39
N ARG B 63 -24.50 1.98 11.13
CA ARG B 63 -23.45 0.98 11.30
C ARG B 63 -22.87 1.16 12.68
N THR B 64 -22.05 0.24 13.13
CA THR B 64 -21.45 0.37 14.47
C THR B 64 -19.94 0.47 14.40
N PRO B 65 -19.39 1.68 14.52
CA PRO B 65 -17.92 1.79 14.42
C PRO B 65 -17.20 1.41 15.72
N GLU B 66 -16.11 0.68 15.60
CA GLU B 66 -15.45 0.12 16.76
C GLU B 66 -13.96 0.46 16.78
N VAL B 67 -13.46 0.84 17.95
CA VAL B 67 -12.03 0.91 18.25
C VAL B 67 -11.59 -0.42 18.92
N THR B 68 -10.58 -1.09 18.35
CA THR B 68 -10.12 -2.43 18.73
C THR B 68 -8.62 -2.55 19.15
N CYS B 69 -8.25 -3.54 19.98
CA CYS B 69 -6.94 -3.56 20.71
C CYS B 69 -6.31 -4.96 20.78
N VAL B 70 -5.63 -5.43 19.73
CA VAL B 70 -5.16 -6.84 19.71
C VAL B 70 -3.81 -7.06 20.44
N VAL B 71 -3.78 -7.87 21.50
CA VAL B 71 -2.61 -7.88 22.39
C VAL B 71 -1.46 -8.73 21.92
N VAL B 72 -1.71 -9.97 21.53
CA VAL B 72 -0.65 -10.88 21.01
C VAL B 72 0.45 -11.21 22.07
N ASP B 73 1.23 -12.26 21.74
CA ASP B 73 2.27 -12.77 22.63
C ASP B 73 1.89 -12.58 24.12
N VAL B 74 0.86 -13.33 24.56
CA VAL B 74 0.32 -13.31 25.94
C VAL B 74 0.88 -14.43 26.85
N SER B 75 0.80 -14.18 28.18
CA SER B 75 1.44 -14.98 29.24
C SER B 75 0.82 -16.36 29.57
N HIS B 76 1.69 -17.38 29.65
CA HIS B 76 1.44 -18.64 30.38
C HIS B 76 2.35 -18.59 31.61
N GLU B 77 2.00 -17.72 32.53
CA GLU B 77 2.58 -17.69 33.87
C GLU B 77 1.60 -16.84 34.71
N ASP B 78 1.54 -15.55 34.39
CA ASP B 78 0.49 -14.62 34.91
C ASP B 78 -0.48 -14.15 33.77
N PRO B 79 -1.16 -15.13 33.09
CA PRO B 79 -1.87 -14.92 31.81
C PRO B 79 -2.97 -13.85 31.85
N GLU B 80 -3.50 -13.57 33.04
CA GLU B 80 -4.47 -12.51 33.25
C GLU B 80 -4.10 -11.22 32.49
N VAL B 81 -5.13 -10.54 31.95
CA VAL B 81 -5.00 -9.19 31.35
C VAL B 81 -6.14 -8.26 31.83
N LYS B 82 -5.90 -6.95 31.82
CA LYS B 82 -6.93 -5.97 32.12
C LYS B 82 -7.01 -4.94 30.97
N PHE B 83 -7.99 -4.03 31.03
CA PHE B 83 -8.08 -2.88 30.11
C PHE B 83 -8.83 -1.74 30.75
N ASN B 84 -8.24 -0.55 30.72
CA ASN B 84 -8.98 0.69 30.93
C ASN B 84 -9.01 1.44 29.59
N TRP B 85 -10.03 2.30 29.38
CA TRP B 85 -10.31 2.91 28.10
C TRP B 85 -10.70 4.33 28.35
N TYR B 86 -10.01 5.24 27.70
CA TYR B 86 -10.28 6.65 27.94
C TYR B 86 -10.61 7.33 26.62
N VAL B 87 -11.46 8.35 26.75
CA VAL B 87 -11.93 9.11 25.65
C VAL B 87 -11.73 10.54 26.05
N ASP B 88 -10.66 11.16 25.55
CA ASP B 88 -10.35 12.55 25.89
C ASP B 88 -10.16 12.69 27.40
N GLY B 89 -9.31 11.82 27.96
CA GLY B 89 -9.00 11.83 29.39
C GLY B 89 -10.01 11.08 30.24
N VAL B 90 -11.30 11.24 29.92
CA VAL B 90 -12.40 10.70 30.72
C VAL B 90 -12.50 9.20 30.50
N GLU B 91 -12.46 8.42 31.60
CA GLU B 91 -12.60 6.97 31.49
C GLU B 91 -14.02 6.67 31.12
N VAL B 92 -14.22 5.50 30.54
CA VAL B 92 -15.50 5.18 29.96
C VAL B 92 -15.63 3.65 30.02
N HIS B 93 -16.79 3.21 30.50
CA HIS B 93 -16.96 1.81 30.91
C HIS B 93 -17.79 0.99 29.94
N ASN B 94 -18.49 1.67 29.04
CA ASN B 94 -19.30 0.98 28.01
C ASN B 94 -18.53 0.15 26.94
N ALA B 95 -17.39 -0.47 27.29
CA ALA B 95 -16.61 -1.30 26.34
C ALA B 95 -16.62 -2.74 26.75
N LYS B 96 -16.42 -3.63 25.78
CA LYS B 96 -16.54 -5.08 25.99
C LYS B 96 -15.31 -5.87 25.57
N THR B 97 -14.77 -6.64 26.52
CA THR B 97 -13.63 -7.50 26.26
C THR B 97 -14.12 -8.80 25.68
N LYS B 98 -13.54 -9.19 24.57
CA LYS B 98 -13.96 -10.36 23.84
C LYS B 98 -13.23 -11.45 24.59
N PRO B 99 -13.90 -12.59 24.91
CA PRO B 99 -13.08 -13.52 25.67
C PRO B 99 -11.89 -13.98 24.83
N ARG B 100 -10.95 -14.62 25.51
CA ARG B 100 -9.67 -15.13 24.96
C ARG B 100 -9.81 -15.80 23.57
N GLU B 101 -8.78 -15.71 22.75
CA GLU B 101 -8.73 -16.50 21.54
C GLU B 101 -7.53 -17.36 21.75
N GLU B 102 -7.28 -18.30 20.83
CA GLU B 102 -6.34 -19.42 21.01
C GLU B 102 -4.95 -19.05 20.47
N GLN B 103 -4.31 -19.89 19.64
CA GLN B 103 -3.06 -19.53 18.94
C GLN B 103 -2.22 -20.73 18.55
N TYR B 104 -1.44 -20.58 17.48
CA TYR B 104 -0.60 -21.67 16.94
C TYR B 104 0.88 -21.25 16.91
N ASN B 105 1.66 -21.74 17.87
CA ASN B 105 2.98 -21.16 18.29
C ASN B 105 2.99 -20.71 19.78
N SER B 106 1.89 -20.97 20.52
CA SER B 106 1.67 -20.59 21.95
C SER B 106 1.23 -19.13 22.12
N THR B 107 0.94 -18.74 23.37
CA THR B 107 0.47 -17.38 23.76
C THR B 107 -0.89 -16.98 23.13
N TYR B 108 -1.84 -16.52 23.93
CA TYR B 108 -3.25 -16.33 23.49
C TYR B 108 -3.78 -14.84 23.47
N ARG B 109 -4.40 -14.38 22.35
CA ARG B 109 -4.85 -12.95 22.21
C ARG B 109 -5.95 -12.51 23.19
N VAL B 110 -6.12 -11.21 23.35
CA VAL B 110 -7.03 -10.61 24.37
C VAL B 110 -7.52 -9.19 23.94
N VAL B 111 -8.66 -9.10 23.25
CA VAL B 111 -8.90 -7.92 22.40
C VAL B 111 -9.48 -6.64 23.06
N SER B 112 -10.64 -6.69 23.68
CA SER B 112 -11.40 -5.46 23.97
C SER B 112 -11.73 -4.65 22.70
N VAL B 113 -13.03 -4.43 22.55
CA VAL B 113 -13.60 -3.83 21.38
C VAL B 113 -14.54 -2.82 21.97
N LEU B 114 -14.19 -1.55 21.88
CA LEU B 114 -15.06 -0.46 22.30
C LEU B 114 -15.77 0.14 21.09
N THR B 115 -17.10 0.19 21.18
CA THR B 115 -17.98 0.91 20.29
C THR B 115 -17.85 2.40 20.55
N VAL B 116 -18.03 3.22 19.51
CA VAL B 116 -17.88 4.67 19.60
C VAL B 116 -18.98 5.45 18.91
N LEU B 117 -19.27 6.64 19.40
CA LEU B 117 -20.23 7.50 18.77
C LEU B 117 -19.67 7.96 17.44
N HIS B 118 -20.53 7.98 16.44
CA HIS B 118 -20.29 8.76 15.26
C HIS B 118 -20.46 10.13 15.86
N GLN B 119 -19.64 11.06 15.41
CA GLN B 119 -19.51 12.41 15.96
C GLN B 119 -18.30 12.46 16.90
N ASP B 120 -18.20 11.55 17.86
CA ASP B 120 -17.01 11.53 18.71
C ASP B 120 -15.82 11.37 17.80
N TRP B 121 -15.86 10.34 16.94
CA TRP B 121 -14.72 9.97 16.10
C TRP B 121 -14.40 11.00 15.06
N LEU B 122 -15.47 11.50 14.47
CA LEU B 122 -15.34 12.45 13.42
C LEU B 122 -14.94 13.81 13.95
N ASN B 123 -15.16 14.06 15.26
CA ASN B 123 -14.66 15.32 15.89
C ASN B 123 -13.25 15.26 16.41
N GLY B 124 -12.70 14.07 16.49
CA GLY B 124 -11.28 13.90 16.66
C GLY B 124 -10.88 13.46 18.05
N LYS B 125 -11.85 13.25 18.94
CA LYS B 125 -11.58 12.75 20.28
C LYS B 125 -10.59 11.62 20.19
N GLU B 126 -9.76 11.48 21.22
CA GLU B 126 -8.76 10.41 21.32
C GLU B 126 -9.30 9.19 22.05
N TYR B 127 -8.90 8.01 21.59
CA TYR B 127 -9.32 6.74 22.15
C TYR B 127 -8.09 6.04 22.71
N LYS B 128 -8.15 5.78 24.02
CA LYS B 128 -7.00 5.42 24.78
C LYS B 128 -7.15 4.02 25.29
N CYS B 129 -6.43 3.05 24.68
CA CYS B 129 -6.43 1.64 25.14
C CYS B 129 -5.40 1.42 26.28
N LYS B 130 -5.78 1.69 27.54
CA LYS B 130 -4.87 1.42 28.70
C LYS B 130 -4.91 -0.05 29.16
N VAL B 131 -3.83 -0.77 28.86
CA VAL B 131 -3.66 -2.15 29.26
C VAL B 131 -3.26 -2.22 30.79
N SER B 132 -3.12 -3.45 31.34
CA SER B 132 -2.52 -3.69 32.68
C SER B 132 -2.20 -5.19 32.85
N ASN B 133 -1.04 -5.61 32.36
CA ASN B 133 -0.50 -6.96 32.58
C ASN B 133 0.52 -6.95 33.74
N LYS B 134 0.40 -7.97 34.60
CA LYS B 134 1.28 -8.21 35.73
C LYS B 134 2.73 -8.31 35.24
N ALA B 135 3.02 -9.33 34.42
CA ALA B 135 4.38 -9.57 33.89
C ALA B 135 4.77 -8.51 32.85
N LEU B 136 4.64 -7.25 33.27
CA LEU B 136 4.83 -6.11 32.41
C LEU B 136 5.28 -4.92 33.27
N PRO B 137 6.55 -4.47 33.07
CA PRO B 137 7.21 -3.48 33.91
C PRO B 137 6.28 -2.35 34.29
N ALA B 138 5.45 -1.93 33.32
CA ALA B 138 4.40 -0.94 33.55
C ALA B 138 3.22 -1.13 32.56
N PRO B 139 2.05 -0.51 32.90
CA PRO B 139 0.86 -0.60 32.05
C PRO B 139 1.06 0.04 30.65
N ILE B 140 1.30 -0.80 29.62
CA ILE B 140 1.39 -0.32 28.22
C ILE B 140 0.15 0.42 27.73
N GLU B 141 0.38 1.51 27.01
CA GLU B 141 -0.68 2.36 26.53
C GLU B 141 -0.63 2.52 25.03
N LYS B 142 -1.81 2.69 24.41
CA LYS B 142 -1.93 3.19 23.02
C LYS B 142 -3.10 4.16 22.90
N THR B 143 -2.91 5.18 22.06
CA THR B 143 -3.93 6.22 21.82
C THR B 143 -4.19 6.35 20.29
N ILE B 144 -5.32 6.95 19.89
CA ILE B 144 -5.72 6.97 18.48
C ILE B 144 -6.92 7.85 18.24
N SER B 145 -6.92 8.47 17.07
CA SER B 145 -8.01 9.31 16.66
C SER B 145 -7.92 9.52 15.16
N LYS B 146 -8.97 10.12 14.64
CA LYS B 146 -9.03 10.48 13.27
C LYS B 146 -7.88 11.48 13.01
N ALA B 147 -7.25 11.37 11.86
CA ALA B 147 -6.31 12.39 11.40
C ALA B 147 -6.87 13.86 11.44
N LYS B 148 -5.95 14.78 11.75
CA LYS B 148 -6.30 16.19 12.02
C LYS B 148 -6.09 16.97 10.76
N GLY B 149 -6.85 18.03 10.58
CA GLY B 149 -6.83 18.81 9.37
C GLY B 149 -8.23 18.96 8.80
N GLN B 150 -8.43 20.11 8.17
CA GLN B 150 -9.63 20.44 7.47
C GLN B 150 -10.03 19.28 6.55
N PRO B 151 -11.21 18.68 6.73
CA PRO B 151 -11.63 17.69 5.75
C PRO B 151 -11.85 18.34 4.44
N ARG B 152 -11.61 17.62 3.35
CA ARG B 152 -11.84 18.15 2.03
C ARG B 152 -12.54 17.14 1.20
N GLU B 153 -13.40 17.69 0.36
CA GLU B 153 -14.36 16.94 -0.43
C GLU B 153 -13.70 16.19 -1.59
N PRO B 154 -13.95 14.89 -1.71
CA PRO B 154 -13.41 14.23 -2.89
C PRO B 154 -14.08 14.67 -4.17
N GLN B 155 -13.31 14.69 -5.24
CA GLN B 155 -13.83 14.94 -6.59
C GLN B 155 -13.88 13.55 -7.20
N VAL B 156 -15.01 13.17 -7.74
CA VAL B 156 -15.21 11.84 -8.27
C VAL B 156 -15.36 11.91 -9.76
N TYR B 157 -14.46 11.22 -10.47
CA TYR B 157 -14.52 11.05 -11.91
C TYR B 157 -14.54 9.58 -12.25
N THR B 158 -15.04 9.35 -13.43
CA THR B 158 -15.46 8.06 -13.87
C THR B 158 -14.82 8.02 -15.30
N LEU B 159 -14.07 6.98 -15.61
CA LEU B 159 -13.34 6.93 -16.92
C LEU B 159 -13.61 5.58 -17.53
N PRO B 160 -14.02 5.56 -18.80
CA PRO B 160 -14.38 4.32 -19.46
C PRO B 160 -13.12 3.65 -19.96
N PRO B 161 -13.20 2.37 -20.34
CA PRO B 161 -12.07 1.65 -20.85
C PRO B 161 -11.41 2.38 -22.00
N SER B 162 -10.08 2.34 -22.08
CA SER B 162 -9.30 2.70 -23.30
C SER B 162 -9.85 1.96 -24.52
N ARG B 163 -9.74 2.60 -25.67
CA ARG B 163 -10.04 1.92 -26.97
C ARG B 163 -9.35 0.56 -27.02
N ASP B 164 -8.03 0.59 -26.75
CA ASP B 164 -7.16 -0.59 -26.92
C ASP B 164 -7.59 -1.80 -26.10
N GLU B 165 -8.30 -1.55 -25.00
CA GLU B 165 -8.77 -2.69 -24.18
C GLU B 165 -10.05 -3.29 -24.76
N LEU B 166 -10.64 -2.63 -25.75
CA LEU B 166 -11.98 -2.99 -26.19
C LEU B 166 -11.98 -4.28 -26.95
N THR B 167 -10.79 -4.65 -27.41
CA THR B 167 -10.52 -5.97 -27.94
C THR B 167 -10.09 -6.89 -26.82
N LYS B 168 -10.96 -7.11 -25.84
CA LYS B 168 -10.72 -8.11 -24.78
C LYS B 168 -12.08 -8.61 -24.32
N ASN B 169 -12.14 -9.81 -23.76
CA ASN B 169 -13.38 -10.35 -23.25
C ASN B 169 -13.76 -9.76 -21.88
N GLN B 170 -12.86 -8.93 -21.31
CA GLN B 170 -13.12 -8.19 -20.07
C GLN B 170 -12.73 -6.75 -20.27
N VAL B 171 -13.36 -5.88 -19.52
CA VAL B 171 -13.09 -4.47 -19.68
C VAL B 171 -13.09 -3.77 -18.32
N SER B 172 -12.35 -2.65 -18.22
CA SER B 172 -12.06 -1.92 -16.98
C SER B 172 -12.77 -0.56 -16.87
N LEU B 173 -13.66 -0.47 -15.88
CA LEU B 173 -14.34 0.81 -15.58
C LEU B 173 -13.63 1.45 -14.42
N THR B 174 -13.17 2.68 -14.61
CA THR B 174 -12.28 3.36 -13.70
C THR B 174 -12.94 4.48 -12.97
N CYS B 175 -12.78 4.49 -11.65
CA CYS B 175 -13.29 5.57 -10.85
C CYS B 175 -12.14 6.28 -10.16
N LEU B 176 -11.87 7.49 -10.63
CA LEU B 176 -10.91 8.36 -9.96
C LEU B 176 -11.51 9.19 -8.83
N VAL B 177 -10.92 9.09 -7.66
CA VAL B 177 -11.34 9.87 -6.52
C VAL B 177 -10.13 10.65 -5.99
N LYS B 178 -10.21 11.95 -6.11
CA LYS B 178 -9.08 12.74 -5.75
C LYS B 178 -9.45 13.96 -4.88
N GLY B 179 -8.45 14.54 -4.25
CA GLY B 179 -8.64 15.80 -3.57
C GLY B 179 -9.27 15.68 -2.22
N PHE B 180 -9.32 14.46 -1.66
CA PHE B 180 -10.02 14.27 -0.40
C PHE B 180 -9.09 14.25 0.78
N TYR B 181 -9.57 14.76 1.91
CA TYR B 181 -8.87 14.65 3.17
C TYR B 181 -9.90 14.55 4.27
N PRO B 182 -9.68 13.73 5.33
CA PRO B 182 -8.64 12.73 5.61
C PRO B 182 -8.70 11.55 4.65
N SER B 183 -7.82 10.56 4.77
CA SER B 183 -7.83 9.46 3.81
C SER B 183 -8.87 8.32 4.05
N ASP B 184 -9.66 8.42 5.10
CA ASP B 184 -10.68 7.42 5.36
C ASP B 184 -11.85 7.63 4.38
N ILE B 185 -12.14 6.61 3.59
CA ILE B 185 -13.06 6.75 2.50
C ILE B 185 -13.56 5.37 2.17
N ALA B 186 -14.78 5.25 1.68
CA ALA B 186 -15.25 3.97 1.13
C ALA B 186 -15.71 4.14 -0.26
N VAL B 187 -15.28 3.24 -1.11
CA VAL B 187 -15.67 3.27 -2.50
C VAL B 187 -16.40 1.97 -2.89
N GLU B 188 -17.52 2.08 -3.61
CA GLU B 188 -18.30 0.89 -4.02
C GLU B 188 -18.84 1.09 -5.40
N TRP B 189 -19.27 0.00 -6.01
CA TRP B 189 -19.80 0.01 -7.39
C TRP B 189 -21.13 -0.70 -7.49
N GLU B 190 -22.03 -0.14 -8.27
CA GLU B 190 -23.30 -0.83 -8.47
C GLU B 190 -23.83 -0.68 -9.88
N SER B 191 -24.80 -1.54 -10.22
CA SER B 191 -25.58 -1.44 -11.50
C SER B 191 -27.08 -1.79 -11.28
N ASN B 192 -27.97 -1.02 -11.94
CA ASN B 192 -29.43 -1.08 -11.70
C ASN B 192 -29.72 -1.42 -10.24
N GLY B 193 -29.16 -0.58 -9.37
CA GLY B 193 -29.30 -0.69 -7.94
C GLY B 193 -28.86 -1.99 -7.29
N GLN B 194 -28.04 -2.80 -7.99
CA GLN B 194 -27.46 -3.99 -7.37
C GLN B 194 -25.96 -3.82 -7.30
N PRO B 195 -25.34 -4.37 -6.25
CA PRO B 195 -23.90 -4.32 -6.04
C PRO B 195 -23.09 -5.12 -7.05
N GLU B 196 -21.99 -4.57 -7.54
CA GLU B 196 -21.00 -5.35 -8.29
C GLU B 196 -19.89 -5.82 -7.37
N ASN B 197 -19.53 -7.08 -7.48
CA ASN B 197 -18.51 -7.75 -6.66
C ASN B 197 -17.06 -7.48 -7.15
N ASN B 198 -16.95 -7.41 -8.48
CA ASN B 198 -15.70 -7.60 -9.20
C ASN B 198 -14.91 -6.31 -9.40
N TYR B 199 -14.65 -5.63 -8.27
CA TYR B 199 -13.83 -4.46 -8.33
C TYR B 199 -12.71 -4.57 -7.33
N LYS B 200 -11.67 -3.82 -7.55
CA LYS B 200 -10.54 -3.75 -6.62
C LYS B 200 -10.26 -2.31 -6.52
N THR B 201 -9.94 -1.87 -5.30
CA THR B 201 -9.71 -0.45 -5.06
C THR B 201 -8.31 -0.23 -4.52
N THR B 202 -7.69 0.80 -5.03
CA THR B 202 -6.38 1.17 -4.61
C THR B 202 -6.39 1.79 -3.22
N PRO B 203 -5.32 1.62 -2.42
CA PRO B 203 -5.23 2.38 -1.20
C PRO B 203 -5.07 3.81 -1.52
N PRO B 204 -5.33 4.70 -0.57
CA PRO B 204 -5.10 6.11 -0.80
C PRO B 204 -3.63 6.44 -0.91
N VAL B 205 -3.33 7.38 -1.79
CA VAL B 205 -1.98 7.85 -2.05
C VAL B 205 -1.96 9.36 -1.77
N LEU B 206 -0.97 9.83 -1.00
CA LEU B 206 -0.69 11.26 -0.74
C LEU B 206 -0.34 11.97 -2.03
N ASP B 207 -1.08 13.01 -2.35
CA ASP B 207 -0.84 13.78 -3.58
C ASP B 207 0.04 14.95 -3.22
N SER B 208 0.45 15.76 -4.17
CA SER B 208 1.39 16.86 -3.77
C SER B 208 0.70 17.99 -3.02
N ASP B 209 -0.61 18.11 -3.22
CA ASP B 209 -1.56 18.92 -2.40
C ASP B 209 -1.49 18.78 -0.91
N GLY B 210 -0.99 17.66 -0.43
CA GLY B 210 -1.33 17.19 0.91
C GLY B 210 -2.74 16.58 1.05
N SER B 211 -3.52 16.55 -0.04
CA SER B 211 -4.74 15.73 -0.21
C SER B 211 -4.41 14.30 -0.77
N PHE B 212 -5.44 13.46 -0.95
CA PHE B 212 -5.21 12.06 -1.31
C PHE B 212 -6.00 11.73 -2.52
N PHE B 213 -5.55 10.73 -3.25
CA PHE B 213 -6.37 10.16 -4.29
C PHE B 213 -6.34 8.61 -4.25
N LEU B 214 -7.24 7.99 -5.00
CA LEU B 214 -7.21 6.56 -5.19
C LEU B 214 -7.91 6.26 -6.48
N TYR B 215 -7.74 5.05 -7.02
CA TYR B 215 -8.54 4.67 -8.20
C TYR B 215 -9.29 3.41 -7.82
N SER B 216 -10.47 3.22 -8.37
CA SER B 216 -11.16 1.93 -8.22
C SER B 216 -11.37 1.39 -9.60
N LYS B 217 -11.16 0.08 -9.75
CA LYS B 217 -11.26 -0.60 -11.06
C LYS B 217 -12.40 -1.61 -11.02
N LEU B 218 -13.41 -1.42 -11.86
CA LEU B 218 -14.47 -2.41 -11.93
C LEU B 218 -14.33 -3.21 -13.23
N THR B 219 -14.34 -4.51 -13.10
CA THR B 219 -14.10 -5.40 -14.23
C THR B 219 -15.47 -6.00 -14.67
N VAL B 220 -15.93 -5.67 -15.87
CA VAL B 220 -17.17 -6.23 -16.41
C VAL B 220 -16.99 -6.90 -17.78
N ASP B 221 -17.76 -7.97 -18.04
CA ASP B 221 -17.76 -8.63 -19.39
C ASP B 221 -17.98 -7.56 -20.45
N LYS B 222 -17.27 -7.66 -21.56
CA LYS B 222 -17.32 -6.60 -22.57
C LYS B 222 -18.75 -6.45 -23.12
N SER B 223 -19.47 -7.56 -23.17
CA SER B 223 -20.85 -7.55 -23.66
C SER B 223 -21.70 -6.61 -22.80
N ARG B 224 -21.53 -6.72 -21.47
CA ARG B 224 -22.26 -5.88 -20.50
C ARG B 224 -22.08 -4.37 -20.72
N TRP B 225 -20.93 -3.97 -21.27
CA TRP B 225 -20.60 -2.54 -21.49
C TRP B 225 -21.03 -2.08 -22.90
N GLN B 226 -21.11 -3.03 -23.81
CA GLN B 226 -21.47 -2.71 -25.21
C GLN B 226 -22.97 -2.63 -25.36
N GLN B 227 -23.70 -3.51 -24.67
CA GLN B 227 -25.15 -3.40 -24.62
C GLN B 227 -25.58 -2.08 -23.91
N GLY B 228 -24.64 -1.45 -23.18
CA GLY B 228 -24.76 -0.07 -22.71
C GLY B 228 -25.39 0.11 -21.35
N ASN B 229 -25.34 -0.93 -20.50
CA ASN B 229 -25.74 -0.85 -19.07
C ASN B 229 -25.15 0.38 -18.34
N VAL B 230 -25.76 0.70 -17.20
CA VAL B 230 -25.33 1.82 -16.36
C VAL B 230 -24.63 1.26 -15.12
N PHE B 231 -23.47 1.81 -14.82
CA PHE B 231 -22.62 1.35 -13.69
C PHE B 231 -22.33 2.57 -12.90
N SER B 232 -22.30 2.46 -11.59
CA SER B 232 -21.94 3.65 -10.82
C SER B 232 -20.94 3.36 -9.72
N CYS B 233 -20.11 4.36 -9.50
CA CYS B 233 -19.10 4.34 -8.48
C CYS B 233 -19.72 5.16 -7.34
N SER B 234 -20.00 4.51 -6.23
CA SER B 234 -20.43 5.19 -5.03
C SER B 234 -19.18 5.58 -4.22
N VAL B 235 -19.16 6.78 -3.64
CA VAL B 235 -18.04 7.20 -2.77
C VAL B 235 -18.54 7.75 -1.46
N MET B 236 -18.01 7.25 -0.34
CA MET B 236 -18.42 7.75 1.01
C MET B 236 -17.26 8.37 1.79
N HIS B 237 -17.49 9.57 2.30
CA HIS B 237 -16.48 10.42 2.83
C HIS B 237 -17.17 11.50 3.69
N GLU B 238 -16.56 11.81 4.84
CA GLU B 238 -16.90 12.94 5.75
C GLU B 238 -17.40 14.24 5.12
N ALA B 239 -16.65 14.74 4.16
CA ALA B 239 -16.82 16.07 3.65
C ALA B 239 -17.81 16.17 2.52
N LEU B 240 -18.37 15.03 2.12
CA LEU B 240 -19.55 15.00 1.25
C LEU B 240 -20.88 15.28 1.98
N HIS B 241 -21.80 15.85 1.26
CA HIS B 241 -23.15 16.03 1.76
C HIS B 241 -23.78 14.67 1.90
N ASN B 242 -24.37 14.42 3.05
CA ASN B 242 -24.91 13.11 3.38
C ASN B 242 -23.89 12.02 3.38
N HIS B 243 -22.62 12.40 3.33
CA HIS B 243 -21.53 11.43 3.37
C HIS B 243 -21.44 10.45 2.20
N TYR B 244 -21.92 10.87 1.03
CA TYR B 244 -22.16 9.96 -0.06
C TYR B 244 -22.37 10.74 -1.33
N THR B 245 -21.69 10.36 -2.42
CA THR B 245 -22.13 10.73 -3.79
C THR B 245 -21.96 9.50 -4.69
N GLN B 246 -22.57 9.58 -5.87
CA GLN B 246 -22.58 8.56 -6.93
C GLN B 246 -22.13 9.20 -8.22
N LYS B 247 -21.37 8.49 -9.03
CA LYS B 247 -21.12 8.95 -10.37
C LYS B 247 -21.26 7.74 -11.29
N SER B 248 -22.16 7.91 -12.26
CA SER B 248 -22.51 6.85 -13.19
C SER B 248 -21.58 6.84 -14.42
N LEU B 249 -21.54 5.70 -15.10
CA LEU B 249 -20.64 5.55 -16.26
C LEU B 249 -21.32 4.61 -17.25
N SER B 250 -21.39 5.04 -18.51
CA SER B 250 -21.95 4.26 -19.66
C SER B 250 -21.33 4.82 -20.93
N LEU B 251 -21.82 4.42 -22.12
CA LEU B 251 -21.29 4.97 -23.39
C LEU B 251 -22.14 6.14 -23.87
C1 NAG C . 19.29 2.73 17.10
C2 NAG C . 18.00 1.94 17.21
C3 NAG C . 17.90 0.97 16.03
C4 NAG C . 17.96 1.78 14.75
C5 NAG C . 19.14 2.75 14.69
C6 NAG C . 18.87 3.75 13.55
C7 NAG C . 17.20 0.54 19.09
C8 NAG C . 17.50 0.11 20.49
N2 NAG C . 18.07 1.36 18.53
O3 NAG C . 16.67 0.27 16.09
O4 NAG C . 17.99 0.99 13.57
O5 NAG C . 19.44 3.45 15.89
O6 NAG C . 18.82 5.09 13.99
O7 NAG C . 16.20 0.10 18.52
C1 NAG C . 16.70 0.74 12.96
C2 NAG C . 16.75 0.70 11.45
C3 NAG C . 15.37 0.52 10.86
C4 NAG C . 14.83 -0.81 11.35
C5 NAG C . 14.90 -0.73 12.89
C6 NAG C . 14.42 -1.98 13.60
C7 NAG C . 18.21 2.13 10.18
C8 NAG C . 18.58 3.56 9.88
N2 NAG C . 17.22 1.98 11.03
O3 NAG C . 15.38 0.56 9.45
O4 NAG C . 13.49 -0.92 10.94
O5 NAG C . 16.20 -0.49 13.37
O6 NAG C . 14.06 -1.54 14.89
O7 NAG C . 18.80 1.17 9.65
C1 BMA C . 13.18 -1.63 9.74
C2 BMA C . 11.92 -2.48 9.96
C3 BMA C . 11.27 -3.05 8.69
C4 BMA C . 11.31 -1.99 7.60
C5 BMA C . 12.68 -1.37 7.51
C6 BMA C . 12.78 -0.40 6.33
O2 BMA C . 10.98 -1.65 10.60
O3 BMA C . 9.89 -3.35 8.88
O4 BMA C . 11.13 -2.69 6.41
O5 BMA C . 12.99 -0.71 8.72
O6 BMA C . 14.08 0.14 6.42
C1 MAN C . 9.52 -4.72 8.88
C2 MAN C . 7.96 -4.80 8.73
C3 MAN C . 7.24 -4.47 10.03
C4 MAN C . 7.83 -5.38 11.09
C5 MAN C . 9.32 -5.02 11.23
C6 MAN C . 10.05 -5.67 12.39
O2 MAN C . 7.44 -6.08 8.43
O3 MAN C . 5.86 -4.77 9.95
O4 MAN C . 7.01 -5.19 12.23
O5 MAN C . 10.04 -5.33 10.04
O6 MAN C . 11.10 -4.80 12.79
C1 NAG C . 7.53 -6.36 7.03
C2 NAG C . 7.88 -7.83 6.87
C3 NAG C . 8.46 -7.84 5.46
C4 NAG C . 7.30 -7.53 4.47
C5 NAG C . 6.76 -6.11 4.83
C6 NAG C . 5.61 -5.58 3.96
C7 NAG C . 10.02 -8.33 8.13
C8 NAG C . 10.59 -8.97 9.39
N2 NAG C . 8.68 -8.37 7.97
O3 NAG C . 9.20 -9.02 5.26
O4 NAG C . 7.61 -7.74 3.08
O5 NAG C . 6.39 -6.08 6.21
O6 NAG C . 5.05 -6.58 3.15
O7 NAG C . 10.81 -7.80 7.34
C1 GAL C . 7.91 -9.15 2.85
C2 GAL C . 7.10 -9.91 1.78
C3 GAL C . 7.09 -11.32 2.35
C4 GAL C . 8.53 -11.85 2.60
C5 GAL C . 9.64 -10.78 2.89
C6 GAL C . 11.04 -11.09 2.32
O2 GAL C . 5.78 -9.46 1.57
O3 GAL C . 6.34 -12.17 1.50
O4 GAL C . 8.91 -12.72 1.55
O5 GAL C . 9.28 -9.44 2.53
O6 GAL C . 11.94 -11.26 3.39
C1 MAN C . 14.37 0.98 5.28
C2 MAN C . 15.86 1.34 5.29
C3 MAN C . 16.21 2.35 6.38
C4 MAN C . 15.14 3.45 6.36
C5 MAN C . 13.79 2.75 6.57
C6 MAN C . 12.54 3.56 6.96
O2 MAN C . 16.12 2.01 4.09
O3 MAN C . 17.49 2.92 6.15
O4 MAN C . 15.47 4.39 7.33
O5 MAN C . 13.58 2.15 5.30
O6 MAN C . 11.98 4.12 5.79
C1 NAG C . 16.38 1.10 3.02
C2 NAG C . 16.05 1.85 1.75
C3 NAG C . 16.21 0.96 0.54
C4 NAG C . 17.67 0.48 0.56
C5 NAG C . 18.06 -0.10 1.94
C6 NAG C . 19.54 -0.39 2.17
C7 NAG C . 14.59 3.85 1.93
C8 NAG C . 15.72 4.86 1.93
N2 NAG C . 14.77 2.52 1.85
O3 NAG C . 15.99 1.75 -0.61
O4 NAG C . 17.77 -0.46 -0.47
O5 NAG C . 17.73 0.75 2.99
O6 NAG C . 20.33 0.66 1.69
O7 NAG C . 13.45 4.28 2.02
C1 GAL C . 18.94 -0.28 -1.26
C2 GAL C . 18.99 -1.37 -2.33
C3 GAL C . 20.13 -1.16 -3.27
C4 GAL C . 20.01 0.24 -3.80
C5 GAL C . 20.07 1.22 -2.62
C6 GAL C . 20.10 2.62 -3.25
O2 GAL C . 19.19 -2.66 -1.82
O3 GAL C . 20.00 -2.08 -4.33
O4 GAL C . 18.77 0.37 -4.48
O5 GAL C . 18.95 1.02 -1.79
O6 GAL C . 20.04 3.62 -2.26
C1 FUL C . 18.38 5.94 12.89
C2 FUL C . 19.19 7.19 12.81
O2 FUL C . 19.07 7.55 11.46
C3 FUL C . 18.63 8.33 13.66
O3 FUL C . 19.70 9.07 14.27
C4 FUL C . 17.57 7.85 14.67
O4 FUL C . 18.16 7.07 15.68
C5 FUL C . 16.48 7.02 13.98
C6 FUL C . 15.82 5.99 14.91
O5 FUL C . 17.01 6.34 12.86
C1 NAG D . 2.68 -16.25 16.82
C2 NAG D . 3.73 -15.18 16.47
C3 NAG D . 3.12 -13.77 16.48
C4 NAG D . 1.85 -13.62 15.62
C5 NAG D . 1.07 -14.92 15.34
C6 NAG D . 1.20 -15.44 13.88
C7 NAG D . 6.13 -14.85 17.17
C8 NAG D . 6.59 -14.33 15.83
N2 NAG D . 4.85 -15.22 17.42
O3 NAG D . 4.12 -12.86 16.06
O4 NAG D . 1.04 -12.55 16.13
O5 NAG D . 1.36 -15.98 16.28
O6 NAG D . 0.47 -14.67 12.95
O7 NAG D . 6.96 -14.91 18.06
C1 NAG D . 1.44 -11.31 15.45
C2 NAG D . 0.27 -10.66 14.71
C3 NAG D . 0.86 -9.70 13.68
C4 NAG D . 1.68 -8.62 14.40
C5 NAG D . 2.71 -9.35 15.33
C6 NAG D . 3.63 -8.44 16.14
C7 NAG D . -1.94 -11.62 14.39
C8 NAG D . -2.73 -12.69 13.67
N2 NAG D . -0.63 -11.63 14.12
O3 NAG D . -0.18 -9.11 12.93
O4 NAG D . 2.25 -7.71 13.45
O5 NAG D . 2.02 -10.26 16.22
O6 NAG D . 4.94 -8.95 16.24
O7 NAG D . -2.50 -10.82 15.17
C1 BMA D . 1.60 -6.40 13.36
C2 BMA D . 2.62 -5.29 13.15
C3 BMA D . 2.00 -3.88 13.21
C4 BMA D . 0.65 -3.80 12.49
C5 BMA D . -0.13 -5.11 12.50
C6 BMA D . -1.22 -5.08 11.43
O2 BMA D . 3.08 -5.57 11.86
O3 BMA D . 2.81 -2.91 12.57
O4 BMA D . -0.09 -2.79 13.12
O5 BMA D . 0.72 -6.23 12.26
O6 BMA D . -2.36 -5.55 12.08
C1 MAN D . -3.36 -6.06 11.18
C2 MAN D . -4.39 -6.78 12.07
C3 MAN D . -3.90 -8.18 12.42
C4 MAN D . -3.74 -8.90 11.12
C5 MAN D . -2.65 -8.25 10.30
C6 MAN D . -2.59 -8.91 8.93
O2 MAN D . -5.63 -6.89 11.40
O3 MAN D . -4.83 -8.88 13.25
O4 MAN D . -3.41 -10.21 11.47
O5 MAN D . -2.84 -6.85 10.10
O6 MAN D . -1.77 -8.08 8.16
C1 NAG D . -6.55 -5.87 11.85
C2 NAG D . -7.58 -5.70 10.74
C3 NAG D . -8.54 -4.56 11.12
C4 NAG D . -9.17 -4.83 12.47
C5 NAG D . -8.19 -5.40 13.54
C6 NAG D . -8.90 -6.27 14.58
C7 NAG D . -6.62 -6.54 8.60
C8 NAG D . -7.22 -7.90 8.77
N2 NAG D . -6.81 -5.56 9.51
O3 NAG D . -9.65 -4.43 10.25
O4 NAG D . -9.79 -3.61 12.88
O5 NAG D . -7.15 -6.23 13.05
O6 NAG D . -9.43 -5.43 15.58
O7 NAG D . -5.97 -6.36 7.59
C1 GAL D . -11.13 -3.81 13.37
C2 GAL D . -11.85 -2.47 13.55
C3 GAL D . -13.30 -2.70 13.89
C4 GAL D . -13.86 -3.55 12.81
C5 GAL D . -13.20 -4.92 12.93
C6 GAL D . -13.97 -6.05 12.23
O2 GAL D . -11.38 -1.68 14.62
O3 GAL D . -13.98 -1.47 13.91
O4 GAL D . -13.55 -2.90 11.58
O5 GAL D . -11.86 -4.69 12.49
O6 GAL D . -13.13 -7.02 11.61
C1 MAN D . 3.15 -1.78 13.41
C2 MAN D . 3.81 -0.69 12.55
C3 MAN D . 5.13 -1.24 12.01
C4 MAN D . 6.04 -1.56 13.19
C5 MAN D . 5.30 -2.64 13.98
C6 MAN D . 6.18 -3.25 15.08
O2 MAN D . 4.02 0.39 13.43
O3 MAN D . 5.75 -0.40 11.06
O4 MAN D . 7.32 -2.04 12.80
O5 MAN D . 4.06 -2.11 14.46
O6 MAN D . 5.45 -3.62 16.22
C1 NAG D . 4.15 1.71 12.83
C2 NAG D . 2.80 2.33 12.42
C3 NAG D . 2.02 3.08 13.54
C4 NAG D . 2.70 3.22 14.91
C5 NAG D . 4.19 2.83 14.97
C6 NAG D . 4.44 1.68 15.96
C7 NAG D . 3.21 2.84 10.05
C8 NAG D . 3.06 1.40 9.65
N2 NAG D . 3.08 3.23 11.32
O3 NAG D . 0.75 2.47 13.75
O4 NAG D . 2.54 4.57 15.35
O5 NAG D . 4.78 2.64 13.69
O6 NAG D . 5.69 1.07 15.70
O7 NAG D . 3.46 3.66 9.19
#